data_9BFW
#
_entry.id   9BFW
#
_cell.length_a   37.210
_cell.length_b   58.080
_cell.length_c   75.950
_cell.angle_alpha   90.000
_cell.angle_beta   97.950
_cell.angle_gamma   90.000
#
_symmetry.space_group_name_H-M   'P 1 21 1'
#
loop_
_entity.id
_entity.type
_entity.pdbx_description
1 polymer 'GTPase KRas'
2 polymer 'Peptidyl-prolyl cis-trans isomerase A'
3 non-polymer 'PHOSPHOAMINOPHOSPHONIC ACID-GUANYLATE ESTER'
4 non-polymer 'MAGNESIUM ION'
5 non-polymer 2-[BIS-(2-HYDROXY-ETHYL)-AMINO]-2-HYDROXYMETHYL-PROPANE-1,3-DIOL
6 non-polymer '1-acetyl-N-[(2S)-1-{[(1M,8S,10R,14S,20S)-22-cyano-4-hydroxy-18,18-dimethyl-9,15-dioxo-16-oxa-10,20,28-triazapentacyclo[18.5.2.1~2,6~.1~10,14~.0~23,27~]nonacosa-1(25),2(29),3,5,21,23,26-heptaen-8-yl]amino}-3-methyl-1-oxobutan-2-yl]-N-methylazetidine-3-carboxamide (non-preferred name)'
7 water water
#
loop_
_entity_poly.entity_id
_entity_poly.type
_entity_poly.pdbx_seq_one_letter_code
_entity_poly.pdbx_strand_id
1 'polypeptide(L)'
;SMTEYKLVVVGACGVGKSALTIQLIQNHFVDEYDPTIEDSYRKQVVIDGETSLLDILDTAGQEEYSAMRDQYMRTGEGFL
LVFAINNTKSFEDIHHYREQIKRVKDSEDVPMVLVGNKSDLPSRTVDTKQAQDLARSYGIPFIETSAKTRQGVDDAFYTL
VREIRKHKEK
;
A
2 'polypeptide(L)'
;SMVNPTVFFDIAVDGEPLGRVSFELFADKVPKTAENFRALSTGEKGFGYKGSSFHRIIPGFMCQGGDFTRHNGTGGKSIY
GEKFEDENFILKHTGPGILSMANAGPNTNGSQFFICTAKTEWLDGKHVVFGKVKEGMNIVEAMERFGSRNGKTSKKITIA
DCGQLE
;
D
#
loop_
_chem_comp.id
_chem_comp.type
_chem_comp.name
_chem_comp.formula
A1AOM non-polymer '1-acetyl-N-[(2S)-1-{[(1M,8S,10R,14S,20S)-22-cyano-4-hydroxy-18,18-dimethyl-9,15-dioxo-16-oxa-10,20,28-triazapentacyclo[18.5.2.1~2,6~.1~10,14~.0~23,27~]nonacosa-1(25),2(29),3,5,21,23,26-heptaen-8-yl]amino}-3-methyl-1-oxobutan-2-yl]-N-methylazetidine-3-carboxamide (non-preferred name)' 'C40 H49 N7 O7'
BTB non-polymer 2-[BIS-(2-HYDROXY-ETHYL)-AMINO]-2-HYDROXYMETHYL-PROPANE-1,3-DIOL 'C8 H19 N O5'
GNP non-polymer 'PHOSPHOAMINOPHOSPHONIC ACID-GUANYLATE ESTER' 'C10 H17 N6 O13 P3'
MG non-polymer 'MAGNESIUM ION' 'Mg 2'
#
# COMPACT_ATOMS: atom_id res chain seq x y z
N SER A 1 -19.71 -7.77 30.25
CA SER A 1 -18.49 -7.70 29.43
C SER A 1 -18.85 -7.46 27.96
N MET A 2 -17.88 -6.97 27.20
N MET A 2 -17.88 -6.96 27.20
CA MET A 2 -18.05 -6.70 25.78
CA MET A 2 -18.05 -6.71 25.78
C MET A 2 -17.05 -7.54 24.99
C MET A 2 -17.05 -7.55 25.01
N THR A 3 -17.56 -8.44 24.16
CA THR A 3 -16.68 -9.27 23.35
C THR A 3 -16.09 -8.45 22.21
N GLU A 4 -14.83 -8.73 21.90
N GLU A 4 -14.82 -8.71 21.91
CA GLU A 4 -14.11 -8.09 20.81
CA GLU A 4 -14.12 -8.08 20.80
C GLU A 4 -13.97 -9.08 19.67
C GLU A 4 -13.99 -9.08 19.67
N TYR A 5 -14.16 -8.59 18.44
CA TYR A 5 -14.03 -9.40 17.23
C TYR A 5 -13.00 -8.76 16.33
N LYS A 6 -11.99 -9.53 15.95
CA LYS A 6 -10.91 -9.04 15.09
C LYS A 6 -11.22 -9.42 13.65
N LEU A 7 -11.60 -8.43 12.85
CA LEU A 7 -12.03 -8.63 11.47
C LEU A 7 -10.97 -8.07 10.53
N VAL A 8 -10.67 -8.79 9.46
CA VAL A 8 -9.61 -8.41 8.52
C VAL A 8 -10.22 -8.34 7.13
N VAL A 9 -9.95 -7.23 6.42
CA VAL A 9 -10.51 -6.97 5.10
C VAL A 9 -9.37 -7.14 4.09
N VAL A 10 -9.54 -8.08 3.14
CA VAL A 10 -8.52 -8.42 2.16
C VAL A 10 -9.10 -8.43 0.75
N GLY A 11 -8.22 -8.30 -0.24
CA GLY A 11 -8.63 -8.30 -1.63
C GLY A 11 -7.70 -7.43 -2.46
N ALA A 12 -7.86 -7.53 -3.78
CA ALA A 12 -6.97 -6.86 -4.72
C ALA A 12 -7.07 -5.33 -4.63
N CYS A 13 -6.10 -4.67 -5.27
CA CYS A 13 -6.05 -3.20 -5.29
C CYS A 13 -7.35 -2.61 -5.80
N GLY A 14 -7.83 -1.59 -5.11
CA GLY A 14 -8.87 -0.72 -5.61
C GLY A 14 -10.28 -1.28 -5.54
N VAL A 15 -10.47 -2.46 -4.92
CA VAL A 15 -11.80 -3.06 -4.90
C VAL A 15 -12.76 -2.35 -3.96
N GLY A 16 -12.24 -1.55 -3.03
CA GLY A 16 -13.04 -0.83 -2.06
C GLY A 16 -12.92 -1.30 -0.62
N LYS A 17 -11.83 -1.97 -0.26
CA LYS A 17 -11.64 -2.40 1.13
C LYS A 17 -11.72 -1.22 2.09
N SER A 18 -11.00 -0.14 1.77
CA SER A 18 -10.97 1.00 2.67
C SER A 18 -12.29 1.75 2.66
N ALA A 19 -12.90 1.91 1.48
CA ALA A 19 -14.18 2.60 1.41
C ALA A 19 -15.25 1.86 2.21
N LEU A 20 -15.23 0.53 2.16
CA LEU A 20 -16.19 -0.25 2.97
C LEU A 20 -15.94 -0.03 4.44
N THR A 21 -14.66 -0.09 4.86
CA THR A 21 -14.30 0.11 6.25
C THR A 21 -14.68 1.51 6.73
N ILE A 22 -14.39 2.53 5.92
CA ILE A 22 -14.71 3.91 6.30
C ILE A 22 -16.21 4.14 6.34
N GLN A 23 -16.98 3.49 5.48
CA GLN A 23 -18.43 3.56 5.63
C GLN A 23 -18.88 3.03 6.98
N LEU A 24 -18.31 1.89 7.40
CA LEU A 24 -18.65 1.33 8.70
C LEU A 24 -18.23 2.25 9.84
N ILE A 25 -17.01 2.79 9.77
CA ILE A 25 -16.44 3.53 10.91
C ILE A 25 -16.94 4.97 10.93
N GLN A 26 -17.00 5.63 9.76
CA GLN A 26 -17.22 7.06 9.67
C GLN A 26 -18.47 7.46 8.88
N ASN A 27 -19.22 6.51 8.33
CA ASN A 27 -20.53 6.78 7.73
C ASN A 27 -20.48 7.79 6.59
N HIS A 28 -19.44 7.70 5.76
CA HIS A 28 -19.41 8.49 4.54
C HIS A 28 -18.57 7.76 3.50
N PHE A 29 -18.65 8.28 2.27
N PHE A 29 -18.71 8.18 2.25
CA PHE A 29 -17.93 7.77 1.11
CA PHE A 29 -18.06 7.50 1.13
C PHE A 29 -17.38 8.94 0.31
C PHE A 29 -16.83 8.28 0.69
N VAL A 30 -16.15 8.81 -0.19
N VAL A 30 -15.70 7.59 0.59
CA VAL A 30 -15.54 9.80 -1.07
CA VAL A 30 -14.47 8.18 0.07
C VAL A 30 -14.99 9.11 -2.29
C VAL A 30 -14.43 7.97 -1.45
N ASP A 31 -14.94 9.85 -3.40
N ASP A 31 -14.50 9.07 -2.20
CA ASP A 31 -14.34 9.32 -4.62
CA ASP A 31 -14.41 9.03 -3.66
C ASP A 31 -12.82 9.29 -4.54
C ASP A 31 -12.96 9.07 -4.13
N GLU A 32 -12.19 10.02 -3.61
CA GLU A 32 -10.74 10.02 -3.61
C GLU A 32 -10.17 8.66 -3.24
N TYR A 33 -9.04 8.31 -3.86
CA TYR A 33 -8.34 7.05 -3.64
C TYR A 33 -7.07 7.33 -2.88
N ASP A 34 -7.00 6.84 -1.66
CA ASP A 34 -5.77 6.93 -0.86
C ASP A 34 -5.25 5.52 -0.61
N PRO A 35 -4.21 5.08 -1.32
CA PRO A 35 -3.79 3.68 -1.23
C PRO A 35 -3.34 3.30 0.17
N THR A 36 -3.71 2.09 0.58
CA THR A 36 -3.42 1.59 1.91
C THR A 36 -2.12 0.80 1.94
N ILE A 37 -1.42 0.87 3.07
CA ILE A 37 -0.47 -0.16 3.48
C ILE A 37 -1.16 -1.08 4.49
N GLU A 38 -1.49 -0.54 5.67
CA GLU A 38 -2.41 -1.19 6.60
C GLU A 38 -2.95 -0.11 7.52
N ASP A 39 -4.24 -0.22 7.87
CA ASP A 39 -4.82 0.67 8.86
C ASP A 39 -5.76 -0.11 9.75
N SER A 40 -5.69 0.15 11.05
CA SER A 40 -6.53 -0.52 12.04
C SER A 40 -7.51 0.46 12.65
N TYR A 41 -8.75 0.00 12.86
CA TYR A 41 -9.82 0.82 13.41
C TYR A 41 -10.53 0.03 14.50
N ARG A 42 -11.15 0.75 15.41
CA ARG A 42 -11.99 0.14 16.43
C ARG A 42 -13.31 0.89 16.50
N LYS A 43 -14.40 0.13 16.64
CA LYS A 43 -15.71 0.73 16.77
C LYS A 43 -16.64 -0.18 17.54
N GLN A 44 -17.38 0.41 18.47
CA GLN A 44 -18.42 -0.30 19.20
C GLN A 44 -19.72 -0.28 18.40
N VAL A 45 -20.36 -1.45 18.31
CA VAL A 45 -21.60 -1.62 17.55
C VAL A 45 -22.53 -2.48 18.40
N VAL A 46 -23.80 -2.49 18.03
CA VAL A 46 -24.76 -3.44 18.59
C VAL A 46 -25.16 -4.40 17.48
N ILE A 47 -25.02 -5.70 17.74
CA ILE A 47 -25.38 -6.74 16.79
C ILE A 47 -26.33 -7.69 17.50
N ASP A 48 -27.55 -7.85 16.97
CA ASP A 48 -28.54 -8.73 17.58
C ASP A 48 -28.75 -8.40 19.06
N GLY A 49 -28.74 -7.11 19.38
CA GLY A 49 -28.99 -6.65 20.73
C GLY A 49 -27.80 -6.71 21.67
N GLU A 50 -26.62 -7.12 21.20
CA GLU A 50 -25.46 -7.25 22.06
C GLU A 50 -24.39 -6.25 21.61
N THR A 51 -23.98 -5.37 22.54
CA THR A 51 -22.89 -4.45 22.23
C THR A 51 -21.59 -5.23 22.07
N SER A 52 -20.87 -4.94 20.98
CA SER A 52 -19.66 -5.66 20.60
C SER A 52 -18.62 -4.65 20.16
N LEU A 53 -17.34 -5.00 20.35
CA LEU A 53 -16.24 -4.17 19.89
C LEU A 53 -15.65 -4.78 18.63
N LEU A 54 -15.64 -4.03 17.53
CA LEU A 54 -15.02 -4.48 16.30
C LEU A 54 -13.64 -3.86 16.15
N ASP A 55 -12.64 -4.71 15.95
N ASP A 55 -12.65 -4.71 15.94
CA ASP A 55 -11.33 -4.27 15.48
CA ASP A 55 -11.28 -4.31 15.67
C ASP A 55 -11.29 -4.61 13.99
C ASP A 55 -11.02 -4.71 14.23
N ILE A 56 -11.09 -3.59 13.16
N ILE A 56 -10.98 -3.73 13.33
CA ILE A 56 -11.01 -3.79 11.70
CA ILE A 56 -10.94 -3.98 11.89
C ILE A 56 -9.57 -3.55 11.28
C ILE A 56 -9.57 -3.62 11.35
N LEU A 57 -8.97 -4.57 10.65
CA LEU A 57 -7.67 -4.42 10.00
C LEU A 57 -7.91 -4.33 8.51
N ASP A 58 -7.62 -3.16 7.94
CA ASP A 58 -7.79 -2.88 6.52
C ASP A 58 -6.43 -3.07 5.85
N THR A 59 -6.31 -4.08 5.00
CA THR A 59 -5.02 -4.54 4.48
C THR A 59 -4.82 -4.16 3.01
N ALA A 60 -3.67 -4.55 2.47
CA ALA A 60 -3.29 -4.23 1.08
C ALA A 60 -2.11 -5.12 0.71
N GLY A 61 -1.49 -4.85 -0.45
CA GLY A 61 -0.21 -5.43 -0.80
C GLY A 61 -0.25 -6.47 -1.89
N GLN A 62 -1.43 -7.02 -2.20
CA GLN A 62 -1.57 -8.06 -3.22
C GLN A 62 -0.52 -9.16 -3.04
N GLU A 63 0.08 -9.62 -4.14
CA GLU A 63 1.00 -10.74 -4.04
C GLU A 63 2.41 -10.27 -3.65
N GLU A 64 2.84 -9.11 -4.16
CA GLU A 64 4.21 -8.67 -3.93
C GLU A 64 4.50 -8.49 -2.44
N TYR A 65 3.52 -8.08 -1.65
CA TYR A 65 3.71 -7.86 -0.23
C TYR A 65 2.92 -8.86 0.64
N SER A 66 2.59 -10.02 0.06
CA SER A 66 1.74 -10.98 0.74
CA SER A 66 1.74 -11.00 0.74
C SER A 66 2.39 -11.53 2.01
N ALA A 67 3.72 -11.74 1.99
CA ALA A 67 4.38 -12.28 3.18
C ALA A 67 4.26 -11.34 4.37
N MET A 68 4.34 -10.04 4.13
N MET A 68 4.31 -10.04 4.13
CA MET A 68 4.12 -9.07 5.20
CA MET A 68 4.12 -9.09 5.22
C MET A 68 2.67 -9.08 5.66
C MET A 68 2.67 -9.02 5.66
N ARG A 69 1.73 -9.15 4.72
CA ARG A 69 0.32 -9.15 5.09
C ARG A 69 -0.04 -10.38 5.92
N ASP A 70 0.67 -11.51 5.75
CA ASP A 70 0.46 -12.68 6.60
C ASP A 70 0.39 -12.29 8.07
N GLN A 71 1.27 -11.38 8.50
CA GLN A 71 1.40 -11.08 9.91
C GLN A 71 0.16 -10.37 10.46
N TYR A 72 -0.45 -9.50 9.65
CA TYR A 72 -1.71 -8.90 10.06
C TYR A 72 -2.84 -9.91 10.02
N MET A 73 -2.89 -10.72 8.97
CA MET A 73 -3.96 -11.70 8.85
C MET A 73 -3.94 -12.72 9.97
N ARG A 74 -2.76 -13.05 10.49
CA ARG A 74 -2.64 -13.99 11.59
C ARG A 74 -3.39 -13.54 12.84
N THR A 75 -3.56 -12.21 12.99
N THR A 75 -3.59 -12.24 13.01
CA THR A 75 -4.32 -11.63 14.10
CA THR A 75 -4.32 -11.75 14.17
C THR A 75 -5.82 -11.90 13.98
C THR A 75 -5.83 -11.79 13.97
N GLY A 76 -6.31 -12.05 12.75
CA GLY A 76 -7.75 -12.02 12.52
C GLY A 76 -8.47 -13.26 13.01
N GLU A 77 -9.72 -13.05 13.42
CA GLU A 77 -10.66 -14.12 13.71
C GLU A 77 -11.61 -14.37 12.54
N GLY A 78 -11.84 -13.39 11.69
CA GLY A 78 -12.69 -13.57 10.53
C GLY A 78 -12.28 -12.58 9.46
N PHE A 79 -12.67 -12.89 8.21
CA PHE A 79 -12.16 -12.17 7.06
C PHE A 79 -13.27 -11.82 6.09
N LEU A 80 -13.21 -10.60 5.55
CA LEU A 80 -13.97 -10.23 4.35
C LEU A 80 -13.05 -10.38 3.16
N LEU A 81 -13.46 -11.19 2.18
CA LEU A 81 -12.74 -11.37 0.93
C LEU A 81 -13.47 -10.53 -0.11
N VAL A 82 -12.87 -9.42 -0.51
CA VAL A 82 -13.54 -8.40 -1.33
C VAL A 82 -13.03 -8.46 -2.76
N PHE A 83 -13.96 -8.51 -3.72
CA PHE A 83 -13.68 -8.22 -5.11
C PHE A 83 -14.60 -7.12 -5.57
N ALA A 84 -14.31 -6.52 -6.73
CA ALA A 84 -15.19 -5.53 -7.34
C ALA A 84 -15.82 -6.11 -8.59
N ILE A 85 -17.11 -5.81 -8.81
CA ILE A 85 -17.87 -6.48 -9.86
C ILE A 85 -17.40 -6.09 -11.26
N ASN A 86 -16.64 -5.01 -11.38
CA ASN A 86 -16.09 -4.56 -12.66
C ASN A 86 -14.59 -4.87 -12.77
N ASN A 87 -14.07 -5.78 -11.97
CA ASN A 87 -12.64 -6.09 -11.94
C ASN A 87 -12.47 -7.61 -11.94
N THR A 88 -12.30 -8.18 -13.13
CA THR A 88 -12.13 -9.62 -13.28
C THR A 88 -10.92 -10.13 -12.51
N LYS A 89 -9.79 -9.44 -12.60
CA LYS A 89 -8.62 -9.88 -11.85
C LYS A 89 -8.93 -10.02 -10.37
N SER A 90 -9.67 -9.06 -9.80
CA SER A 90 -9.95 -9.13 -8.38
C SER A 90 -10.75 -10.37 -8.01
N PHE A 91 -11.64 -10.82 -8.90
CA PHE A 91 -12.38 -12.05 -8.65
C PHE A 91 -11.47 -13.26 -8.79
N GLU A 92 -10.63 -13.28 -9.84
CA GLU A 92 -9.69 -14.39 -10.00
C GLU A 92 -8.72 -14.49 -8.84
N ASP A 93 -8.43 -13.36 -8.19
CA ASP A 93 -7.49 -13.34 -7.06
C ASP A 93 -8.09 -13.88 -5.76
N ILE A 94 -9.43 -14.01 -5.66
CA ILE A 94 -10.04 -14.42 -4.40
C ILE A 94 -9.43 -15.72 -3.89
N HIS A 95 -9.22 -16.67 -4.80
N HIS A 95 -9.18 -16.68 -4.78
CA HIS A 95 -8.59 -17.95 -4.46
CA HIS A 95 -8.64 -17.96 -4.33
C HIS A 95 -7.30 -17.77 -3.67
C HIS A 95 -7.29 -17.77 -3.63
N HIS A 96 -6.46 -16.82 -4.09
CA HIS A 96 -5.19 -16.55 -3.40
C HIS A 96 -5.44 -16.13 -1.95
N TYR A 97 -6.38 -15.22 -1.75
CA TYR A 97 -6.65 -14.74 -0.39
C TYR A 97 -7.24 -15.84 0.46
N ARG A 98 -8.13 -16.65 -0.12
CA ARG A 98 -8.68 -17.80 0.60
C ARG A 98 -7.58 -18.75 1.05
N GLU A 99 -6.64 -19.07 0.15
CA GLU A 99 -5.55 -19.96 0.51
C GLU A 99 -4.64 -19.34 1.56
N GLN A 100 -4.40 -18.02 1.46
CA GLN A 100 -3.57 -17.34 2.45
C GLN A 100 -4.22 -17.41 3.83
N ILE A 101 -5.53 -17.20 3.90
CA ILE A 101 -6.23 -17.29 5.18
C ILE A 101 -6.09 -18.68 5.77
N LYS A 102 -6.36 -19.72 4.97
CA LYS A 102 -6.28 -21.09 5.47
C LYS A 102 -4.87 -21.41 5.96
N ARG A 103 -3.86 -20.89 5.29
CA ARG A 103 -2.48 -21.14 5.68
C ARG A 103 -2.13 -20.41 6.98
N VAL A 104 -2.41 -19.10 7.04
CA VAL A 104 -2.00 -18.34 8.22
C VAL A 104 -2.81 -18.71 9.46
N LYS A 105 -4.09 -19.07 9.30
CA LYS A 105 -4.89 -19.53 10.42
C LYS A 105 -4.70 -21.02 10.67
N ASP A 106 -4.00 -21.71 9.79
CA ASP A 106 -3.72 -23.14 9.94
C ASP A 106 -5.00 -23.93 10.17
N SER A 107 -6.01 -23.66 9.34
CA SER A 107 -7.31 -24.27 9.52
C SER A 107 -8.05 -24.28 8.20
N GLU A 108 -8.84 -25.33 8.00
CA GLU A 108 -9.73 -25.43 6.85
C GLU A 108 -11.08 -24.78 7.09
N ASP A 109 -11.36 -24.33 8.32
CA ASP A 109 -12.66 -23.81 8.73
C ASP A 109 -12.40 -22.48 9.42
N VAL A 110 -12.38 -21.40 8.64
CA VAL A 110 -12.12 -20.07 9.16
C VAL A 110 -13.32 -19.19 8.82
N PRO A 111 -13.84 -18.40 9.75
CA PRO A 111 -14.96 -17.49 9.43
C PRO A 111 -14.59 -16.51 8.33
N MET A 112 -15.40 -16.47 7.28
CA MET A 112 -15.15 -15.63 6.11
C MET A 112 -16.47 -15.29 5.45
N VAL A 113 -16.47 -14.16 4.74
CA VAL A 113 -17.59 -13.73 3.92
C VAL A 113 -17.04 -13.21 2.60
N LEU A 114 -17.64 -13.64 1.48
CA LEU A 114 -17.28 -13.13 0.17
C LEU A 114 -18.10 -11.86 -0.10
N VAL A 115 -17.41 -10.80 -0.51
CA VAL A 115 -18.03 -9.48 -0.70
C VAL A 115 -17.82 -9.05 -2.14
N GLY A 116 -18.93 -8.83 -2.85
CA GLY A 116 -18.90 -8.28 -4.20
C GLY A 116 -19.23 -6.80 -4.17
N ASN A 117 -18.19 -5.96 -4.21
CA ASN A 117 -18.35 -4.53 -4.01
C ASN A 117 -18.52 -3.78 -5.34
N LYS A 118 -18.93 -2.52 -5.21
CA LYS A 118 -19.22 -1.62 -6.33
C LYS A 118 -20.51 -1.99 -7.05
N SER A 119 -21.47 -2.51 -6.29
CA SER A 119 -22.74 -2.96 -6.87
C SER A 119 -23.60 -1.81 -7.39
N ASP A 120 -23.21 -0.55 -7.12
CA ASP A 120 -23.88 0.61 -7.68
C ASP A 120 -23.56 0.84 -9.15
N LEU A 121 -22.52 0.19 -9.68
CA LEU A 121 -22.04 0.55 -11.02
C LEU A 121 -22.99 0.04 -12.10
N PRO A 122 -23.10 0.76 -13.21
CA PRO A 122 -23.97 0.33 -14.30
C PRO A 122 -23.38 -0.75 -15.19
N SER A 123 -22.14 -1.16 -14.96
CA SER A 123 -21.53 -2.19 -15.79
C SER A 123 -20.73 -3.13 -14.89
N ARG A 124 -20.52 -4.35 -15.39
CA ARG A 124 -19.81 -5.34 -14.61
C ARG A 124 -19.20 -6.38 -15.53
N THR A 125 -18.11 -7.00 -15.06
CA THR A 125 -17.40 -8.03 -15.81
C THR A 125 -17.47 -9.39 -15.14
N VAL A 126 -17.92 -9.45 -13.89
CA VAL A 126 -18.04 -10.69 -13.13
C VAL A 126 -19.52 -10.94 -12.89
N ASP A 127 -20.00 -12.14 -13.22
CA ASP A 127 -21.40 -12.48 -13.00
C ASP A 127 -21.69 -12.69 -11.52
N THR A 128 -22.86 -12.24 -11.06
CA THR A 128 -23.26 -12.57 -9.69
CA THR A 128 -23.27 -12.57 -9.70
C THR A 128 -23.28 -14.08 -9.47
N LYS A 129 -23.71 -14.84 -10.48
CA LYS A 129 -23.75 -16.29 -10.36
C LYS A 129 -22.36 -16.88 -10.10
N GLN A 130 -21.33 -16.33 -10.74
CA GLN A 130 -19.97 -16.79 -10.46
C GLN A 130 -19.63 -16.64 -8.98
N ALA A 131 -19.99 -15.49 -8.40
CA ALA A 131 -19.67 -15.24 -7.00
C ALA A 131 -20.51 -16.13 -6.09
N GLN A 132 -21.79 -16.29 -6.41
CA GLN A 132 -22.62 -17.20 -5.62
C GLN A 132 -22.05 -18.61 -5.66
N ASP A 133 -21.62 -19.07 -6.84
CA ASP A 133 -21.06 -20.42 -6.96
C ASP A 133 -19.75 -20.54 -6.19
N LEU A 134 -18.90 -19.51 -6.25
CA LEU A 134 -17.65 -19.55 -5.51
C LEU A 134 -17.90 -19.61 -4.00
N ALA A 135 -18.77 -18.73 -3.50
CA ALA A 135 -19.07 -18.73 -2.07
C ALA A 135 -19.66 -20.07 -1.64
N ARG A 136 -20.57 -20.64 -2.44
N ARG A 136 -20.57 -20.63 -2.44
CA ARG A 136 -21.14 -21.93 -2.11
CA ARG A 136 -21.14 -21.93 -2.13
C ARG A 136 -20.05 -23.00 -2.06
C ARG A 136 -20.05 -22.99 -2.05
N SER A 137 -19.09 -22.95 -2.98
CA SER A 137 -18.02 -23.94 -2.98
C SER A 137 -17.13 -23.83 -1.75
N TYR A 138 -17.06 -22.64 -1.16
CA TYR A 138 -16.33 -22.43 0.07
C TYR A 138 -17.17 -22.64 1.32
N GLY A 139 -18.49 -22.75 1.18
CA GLY A 139 -19.38 -22.83 2.32
C GLY A 139 -19.50 -21.54 3.12
N ILE A 140 -19.47 -20.40 2.45
CA ILE A 140 -19.47 -19.10 3.15
C ILE A 140 -20.54 -18.20 2.55
N PRO A 141 -21.00 -17.20 3.31
CA PRO A 141 -21.96 -16.24 2.77
C PRO A 141 -21.35 -15.39 1.67
N PHE A 142 -22.21 -14.91 0.78
CA PHE A 142 -21.87 -13.93 -0.25
C PHE A 142 -22.80 -12.73 -0.09
N ILE A 143 -22.20 -11.53 0.00
CA ILE A 143 -22.96 -10.31 0.18
C ILE A 143 -22.55 -9.30 -0.89
N GLU A 144 -23.54 -8.74 -1.59
CA GLU A 144 -23.33 -7.67 -2.55
C GLU A 144 -23.32 -6.33 -1.82
N THR A 145 -22.29 -5.52 -2.06
CA THR A 145 -22.15 -4.27 -1.35
C THR A 145 -21.89 -3.12 -2.32
N SER A 146 -22.16 -1.91 -1.82
CA SER A 146 -21.66 -0.68 -2.42
C SER A 146 -21.20 0.23 -1.30
N ALA A 147 -19.91 0.54 -1.24
CA ALA A 147 -19.47 1.56 -0.30
C ALA A 147 -20.02 2.92 -0.66
N LYS A 148 -20.40 3.12 -1.92
CA LYS A 148 -20.90 4.42 -2.35
C LYS A 148 -22.30 4.69 -1.80
N THR A 149 -23.20 3.73 -1.93
CA THR A 149 -24.58 3.89 -1.46
C THR A 149 -24.80 3.33 -0.07
N ARG A 150 -23.84 2.61 0.48
CA ARG A 150 -23.89 1.89 1.76
C ARG A 150 -24.67 0.57 1.68
N GLN A 151 -25.16 0.18 0.49
CA GLN A 151 -25.79 -1.12 0.33
C GLN A 151 -24.92 -2.24 0.89
N GLY A 152 -25.50 -3.04 1.78
CA GLY A 152 -24.84 -4.24 2.26
C GLY A 152 -23.69 -4.07 3.22
N VAL A 153 -23.30 -2.84 3.57
CA VAL A 153 -22.07 -2.63 4.35
C VAL A 153 -22.23 -3.21 5.75
N ASP A 154 -23.25 -2.78 6.49
CA ASP A 154 -23.47 -3.34 7.82
C ASP A 154 -23.66 -4.85 7.74
N ASP A 155 -24.41 -5.32 6.75
CA ASP A 155 -24.67 -6.75 6.61
C ASP A 155 -23.36 -7.53 6.46
N ALA A 156 -22.42 -7.01 5.67
CA ALA A 156 -21.17 -7.75 5.47
C ALA A 156 -20.40 -7.92 6.79
N PHE A 157 -20.23 -6.83 7.54
CA PHE A 157 -19.48 -6.91 8.79
C PHE A 157 -20.23 -7.67 9.86
N TYR A 158 -21.55 -7.43 9.99
CA TYR A 158 -22.32 -8.12 11.04
C TYR A 158 -22.43 -9.61 10.74
N THR A 159 -22.62 -9.96 9.46
CA THR A 159 -22.64 -11.38 9.10
C THR A 159 -21.33 -12.04 9.48
N LEU A 160 -20.21 -11.37 9.24
CA LEU A 160 -18.92 -11.95 9.59
C LEU A 160 -18.83 -12.19 11.10
N VAL A 161 -19.33 -11.25 11.92
CA VAL A 161 -19.37 -11.49 13.36
C VAL A 161 -20.19 -12.73 13.70
N ARG A 162 -21.35 -12.89 13.07
CA ARG A 162 -22.17 -14.07 13.34
C ARG A 162 -21.44 -15.34 12.93
N GLU A 163 -20.69 -15.30 11.82
CA GLU A 163 -19.89 -16.46 11.42
C GLU A 163 -18.85 -16.80 12.49
N ILE A 164 -18.20 -15.77 13.07
CA ILE A 164 -17.25 -16.03 14.15
C ILE A 164 -17.96 -16.68 15.33
N ARG A 165 -19.12 -16.16 15.70
CA ARG A 165 -19.83 -16.70 16.85
C ARG A 165 -20.27 -18.14 16.63
N LYS A 166 -20.58 -18.53 15.39
CA LYS A 166 -20.92 -19.92 15.10
C LYS A 166 -19.70 -20.82 15.10
N HIS A 167 -18.52 -20.27 14.87
CA HIS A 167 -17.31 -21.09 14.82
C HIS A 167 -16.88 -21.50 16.22
N LYS A 168 -16.98 -20.59 17.18
CA LYS A 168 -16.56 -20.84 18.56
C LYS A 168 -17.36 -21.99 19.18
N SER B 1 34.21 10.91 -21.49
CA SER B 1 34.11 10.22 -20.19
C SER B 1 33.24 11.01 -19.21
N MET B 2 32.49 10.30 -18.35
CA MET B 2 31.66 10.94 -17.32
C MET B 2 31.62 10.06 -16.07
N VAL B 3 32.05 10.61 -14.94
CA VAL B 3 31.93 9.94 -13.66
C VAL B 3 30.45 9.89 -13.25
N ASN B 4 30.07 8.85 -12.49
CA ASN B 4 28.72 8.78 -11.96
C ASN B 4 28.36 10.08 -11.23
N PRO B 5 27.19 10.65 -11.47
CA PRO B 5 26.84 11.93 -10.83
C PRO B 5 26.56 11.77 -9.34
N THR B 6 26.71 12.89 -8.63
CA THR B 6 26.40 12.99 -7.22
C THR B 6 25.31 14.05 -7.04
N VAL B 7 24.24 13.70 -6.33
CA VAL B 7 23.20 14.67 -6.04
C VAL B 7 22.99 14.74 -4.54
N PHE B 8 22.37 15.84 -4.10
CA PHE B 8 22.10 16.03 -2.67
C PHE B 8 20.65 16.41 -2.44
N PHE B 9 20.15 16.04 -1.26
CA PHE B 9 18.91 16.56 -0.70
C PHE B 9 19.25 17.23 0.63
N ASP B 10 18.75 18.43 0.85
CA ASP B 10 18.74 19.05 2.17
C ASP B 10 17.37 18.77 2.79
N ILE B 11 17.36 18.00 3.88
CA ILE B 11 16.12 17.51 4.50
C ILE B 11 15.70 18.46 5.62
N ALA B 12 14.40 18.71 5.72
CA ALA B 12 13.82 19.49 6.81
C ALA B 12 12.70 18.69 7.48
N VAL B 13 12.48 18.99 8.76
CA VAL B 13 11.50 18.31 9.59
C VAL B 13 10.57 19.41 10.13
N ASP B 14 9.31 19.40 9.70
CA ASP B 14 8.38 20.48 10.04
C ASP B 14 9.01 21.85 9.78
N GLY B 15 9.76 21.96 8.67
CA GLY B 15 10.39 23.21 8.29
C GLY B 15 11.74 23.48 8.90
N GLU B 16 12.19 22.68 9.86
CA GLU B 16 13.47 22.92 10.52
C GLU B 16 14.54 22.09 9.85
N PRO B 17 15.68 22.69 9.48
CA PRO B 17 16.72 21.90 8.80
C PRO B 17 17.18 20.72 9.65
N LEU B 18 17.33 19.57 9.01
CA LEU B 18 17.86 18.37 9.64
C LEU B 18 19.28 18.07 9.19
N GLY B 19 19.50 17.94 7.89
CA GLY B 19 20.83 17.71 7.38
C GLY B 19 20.79 17.35 5.91
N ARG B 20 21.97 17.08 5.36
CA ARG B 20 22.15 16.79 3.94
C ARG B 20 22.39 15.30 3.73
N VAL B 21 21.71 14.74 2.73
CA VAL B 21 21.99 13.40 2.23
C VAL B 21 22.49 13.53 0.80
N SER B 22 23.59 12.86 0.48
CA SER B 22 24.07 12.82 -0.90
C SER B 22 24.02 11.40 -1.42
N PHE B 23 23.95 11.29 -2.75
CA PHE B 23 23.77 10.01 -3.44
C PHE B 23 24.71 9.94 -4.62
N GLU B 24 25.30 8.76 -4.82
CA GLU B 24 25.90 8.41 -6.09
C GLU B 24 24.83 7.76 -6.96
N LEU B 25 24.73 8.19 -8.22
CA LEU B 25 23.79 7.63 -9.17
C LEU B 25 24.57 6.76 -10.15
N PHE B 26 24.14 5.50 -10.31
CA PHE B 26 24.89 4.50 -11.09
C PHE B 26 24.58 4.65 -12.58
N ALA B 27 24.99 5.78 -13.13
CA ALA B 27 24.79 6.04 -14.55
C ALA B 27 25.52 5.03 -15.41
N ASP B 28 26.61 4.44 -14.89
CA ASP B 28 27.36 3.44 -15.63
C ASP B 28 26.56 2.16 -15.88
N LYS B 29 25.56 1.86 -15.06
CA LYS B 29 24.77 0.65 -15.22
C LYS B 29 23.32 0.89 -15.54
N VAL B 30 22.74 2.01 -15.12
CA VAL B 30 21.35 2.35 -15.40
C VAL B 30 21.28 3.82 -15.82
N PRO B 31 21.80 4.15 -17.00
CA PRO B 31 21.92 5.57 -17.37
C PRO B 31 20.62 6.31 -17.45
N LYS B 32 19.57 5.70 -18.01
CA LYS B 32 18.31 6.43 -18.19
CA LYS B 32 18.31 6.42 -18.20
C LYS B 32 17.63 6.70 -16.85
N THR B 33 17.69 5.73 -15.93
CA THR B 33 17.08 5.89 -14.63
C THR B 33 17.88 6.88 -13.78
N ALA B 34 19.20 6.79 -13.84
CA ALA B 34 20.04 7.76 -13.13
C ALA B 34 19.80 9.17 -13.64
N GLU B 35 19.69 9.34 -14.96
CA GLU B 35 19.53 10.67 -15.53
C GLU B 35 18.20 11.30 -15.11
N ASN B 36 17.14 10.49 -15.04
CA ASN B 36 15.86 10.98 -14.57
C ASN B 36 15.97 11.56 -13.17
N PHE B 37 16.56 10.80 -12.24
CA PHE B 37 16.68 11.26 -10.87
C PHE B 37 17.59 12.49 -10.78
N ARG B 38 18.68 12.50 -11.57
CA ARG B 38 19.58 13.65 -11.58
C ARG B 38 18.86 14.92 -12.00
N ALA B 39 18.15 14.87 -13.13
CA ALA B 39 17.47 16.05 -13.64
C ALA B 39 16.32 16.49 -12.72
N LEU B 40 15.62 15.54 -12.11
CA LEU B 40 14.58 15.92 -11.15
C LEU B 40 15.18 16.56 -9.91
N SER B 41 16.41 16.18 -9.55
CA SER B 41 17.08 16.77 -8.40
C SER B 41 17.57 18.20 -8.68
N THR B 42 18.03 18.48 -9.91
CA THR B 42 18.43 19.85 -10.21
C THR B 42 17.23 20.73 -10.54
N GLY B 43 16.11 20.14 -10.95
CA GLY B 43 14.96 20.91 -11.39
C GLY B 43 15.13 21.55 -12.76
N GLU B 44 16.12 21.12 -13.54
CA GLU B 44 16.51 21.85 -14.75
C GLU B 44 15.45 21.79 -15.85
N LYS B 45 14.51 20.86 -15.79
CA LYS B 45 13.42 20.85 -16.76
C LYS B 45 12.18 21.61 -16.30
N GLY B 46 12.26 22.31 -15.17
CA GLY B 46 11.17 23.12 -14.68
C GLY B 46 10.26 22.44 -13.68
N PHE B 47 10.56 21.19 -13.32
CA PHE B 47 9.82 20.47 -12.30
C PHE B 47 10.81 19.49 -11.65
N GLY B 48 10.44 18.98 -10.49
CA GLY B 48 11.32 18.04 -9.82
C GLY B 48 11.07 18.00 -8.32
N TYR B 49 12.08 17.51 -7.61
CA TYR B 49 11.89 17.09 -6.22
C TYR B 49 11.81 18.25 -5.21
N LYS B 50 12.33 19.43 -5.53
CA LYS B 50 12.44 20.47 -4.51
C LYS B 50 11.09 20.82 -3.91
N GLY B 51 11.00 20.75 -2.58
CA GLY B 51 9.78 21.06 -1.86
C GLY B 51 8.88 19.87 -1.58
N SER B 52 9.14 18.72 -2.22
CA SER B 52 8.31 17.54 -2.02
C SER B 52 8.64 16.88 -0.68
N SER B 53 7.77 15.96 -0.25
CA SER B 53 7.92 15.34 1.05
C SER B 53 8.18 13.84 0.91
N PHE B 54 8.64 13.24 2.00
CA PHE B 54 8.72 11.78 2.12
C PHE B 54 7.41 11.33 2.73
N HIS B 55 6.52 10.80 1.88
CA HIS B 55 5.16 10.51 2.32
C HIS B 55 5.05 9.15 3.00
N ARG B 56 6.02 8.26 2.82
CA ARG B 56 6.04 6.99 3.54
C ARG B 56 7.41 6.81 4.16
N ILE B 57 7.45 6.62 5.48
CA ILE B 57 8.68 6.27 6.16
C ILE B 57 8.38 5.06 7.02
N ILE B 58 9.01 3.93 6.71
CA ILE B 58 8.78 2.66 7.40
C ILE B 58 10.07 2.27 8.10
N PRO B 59 10.15 2.44 9.41
CA PRO B 59 11.40 2.13 10.13
C PRO B 59 11.81 0.68 9.90
N GLY B 60 13.10 0.47 9.67
CA GLY B 60 13.62 -0.84 9.37
C GLY B 60 13.52 -1.26 7.92
N PHE B 61 12.89 -0.44 7.08
CA PHE B 61 12.67 -0.81 5.69
C PHE B 61 13.11 0.28 4.71
N MET B 62 12.38 1.38 4.60
CA MET B 62 12.76 2.41 3.63
C MET B 62 12.00 3.70 3.89
N CYS B 63 12.51 4.77 3.25
CA CYS B 63 11.86 6.09 3.17
CA CYS B 63 11.79 6.03 3.17
C CYS B 63 11.52 6.34 1.70
N GLN B 64 10.25 6.60 1.41
CA GLN B 64 9.79 6.81 0.04
C GLN B 64 9.34 8.25 -0.17
N GLY B 65 9.74 8.83 -1.30
CA GLY B 65 9.35 10.17 -1.66
C GLY B 65 9.26 10.36 -3.15
N GLY B 66 9.29 11.61 -3.58
CA GLY B 66 9.34 11.94 -4.99
C GLY B 66 8.02 12.29 -5.65
N ASP B 67 6.91 12.35 -4.91
CA ASP B 67 5.64 12.75 -5.50
C ASP B 67 5.51 14.27 -5.40
N PHE B 68 5.87 14.96 -6.48
CA PHE B 68 5.74 16.41 -6.55
C PHE B 68 4.51 16.87 -7.33
N THR B 69 3.56 15.96 -7.65
CA THR B 69 2.35 16.38 -8.37
C THR B 69 1.02 16.09 -7.69
N ARG B 70 0.94 15.13 -6.77
N ARG B 70 0.95 15.14 -6.76
CA ARG B 70 -0.33 14.78 -6.14
CA ARG B 70 -0.32 14.79 -6.14
C ARG B 70 -0.19 14.81 -4.63
C ARG B 70 -0.19 14.78 -4.62
N HIS B 71 -1.36 14.81 -3.96
CA HIS B 71 -1.43 14.91 -2.51
C HIS B 71 -1.44 13.57 -1.79
N ASN B 72 -1.58 12.45 -2.51
CA ASN B 72 -1.83 11.16 -1.89
C ASN B 72 -0.81 10.10 -2.28
N GLY B 73 0.38 10.51 -2.72
CA GLY B 73 1.40 9.53 -3.06
C GLY B 73 1.15 8.77 -4.34
N THR B 74 0.25 9.25 -5.19
CA THR B 74 -0.02 8.61 -6.46
C THR B 74 0.61 9.33 -7.64
N GLY B 75 1.30 10.45 -7.41
CA GLY B 75 1.76 11.27 -8.51
C GLY B 75 3.25 11.23 -8.77
N GLY B 76 3.75 12.33 -9.31
CA GLY B 76 5.08 12.41 -9.86
C GLY B 76 5.10 12.08 -11.35
N LYS B 77 6.18 12.48 -12.00
CA LYS B 77 6.37 12.20 -13.42
C LYS B 77 7.85 12.20 -13.72
N SER B 78 8.21 11.44 -14.75
CA SER B 78 9.59 11.37 -15.18
C SER B 78 9.90 12.53 -16.14
N ILE B 79 11.17 12.62 -16.53
CA ILE B 79 11.60 13.60 -17.53
C ILE B 79 11.33 13.14 -18.95
N TYR B 80 10.74 11.96 -19.13
CA TYR B 80 10.61 11.36 -20.46
C TYR B 80 9.23 11.54 -21.11
N GLY B 81 8.38 12.42 -20.56
CA GLY B 81 7.08 12.69 -21.13
C GLY B 81 6.03 11.65 -20.88
N GLU B 82 6.38 10.59 -20.16
CA GLU B 82 5.52 9.44 -19.89
C GLU B 82 6.24 8.58 -18.86
N LYS B 83 5.47 7.72 -18.17
CA LYS B 83 6.09 6.68 -17.35
C LYS B 83 7.05 5.89 -18.22
N PHE B 84 8.15 5.46 -17.63
CA PHE B 84 9.18 4.80 -18.44
C PHE B 84 9.44 3.37 -18.01
N GLU B 85 10.05 2.63 -18.92
N GLU B 85 10.02 2.61 -18.93
CA GLU B 85 10.25 1.20 -18.76
CA GLU B 85 10.26 1.19 -18.75
C GLU B 85 11.28 0.91 -17.68
C GLU B 85 11.23 0.94 -17.59
N ASP B 86 11.14 -0.26 -17.04
CA ASP B 86 12.17 -0.77 -16.16
C ASP B 86 13.42 -0.99 -17.00
N GLU B 87 14.47 -0.21 -16.71
CA GLU B 87 15.63 -0.18 -17.58
C GLU B 87 16.38 -1.51 -17.55
N ASN B 88 16.67 -2.01 -16.36
CA ASN B 88 17.24 -3.35 -16.16
C ASN B 88 17.14 -3.64 -14.67
N PHE B 89 17.37 -4.90 -14.31
CA PHE B 89 17.42 -5.33 -12.92
C PHE B 89 18.80 -5.87 -12.57
N ILE B 90 19.84 -5.23 -13.10
CA ILE B 90 21.21 -5.68 -12.81
C ILE B 90 21.48 -5.65 -11.31
N LEU B 91 21.13 -4.54 -10.67
CA LEU B 91 21.52 -4.26 -9.29
C LEU B 91 20.41 -4.69 -8.32
N LYS B 92 20.84 -5.06 -7.12
CA LYS B 92 19.94 -5.60 -6.10
C LYS B 92 19.84 -4.69 -4.88
N HIS B 93 18.82 -4.96 -4.07
CA HIS B 93 18.58 -4.21 -2.83
C HIS B 93 19.41 -4.88 -1.74
N THR B 94 20.68 -4.51 -1.68
CA THR B 94 21.68 -5.25 -0.91
C THR B 94 21.80 -4.81 0.55
N GLY B 95 21.30 -3.63 0.91
CA GLY B 95 21.50 -3.13 2.26
C GLY B 95 21.09 -1.70 2.42
N PRO B 96 21.34 -1.13 3.60
CA PRO B 96 21.01 0.28 3.84
C PRO B 96 21.65 1.20 2.81
N GLY B 97 20.92 2.24 2.43
CA GLY B 97 21.42 3.26 1.55
C GLY B 97 21.05 3.09 0.09
N ILE B 98 20.58 1.90 -0.30
CA ILE B 98 20.22 1.66 -1.69
C ILE B 98 19.09 2.58 -2.11
N LEU B 99 19.22 3.16 -3.31
CA LEU B 99 18.23 4.03 -3.92
C LEU B 99 17.59 3.30 -5.08
N SER B 100 16.25 3.22 -5.08
CA SER B 100 15.52 2.36 -6.00
C SER B 100 14.20 3.02 -6.38
N MET B 101 13.64 2.61 -7.50
CA MET B 101 12.42 3.22 -8.03
C MET B 101 11.17 2.59 -7.44
N ALA B 102 10.26 3.45 -6.98
CA ALA B 102 8.90 3.03 -6.68
C ALA B 102 8.13 2.89 -8.00
N ASN B 103 7.06 2.08 -7.97
CA ASN B 103 6.28 1.90 -9.20
C ASN B 103 4.92 1.32 -8.87
N ALA B 104 4.08 1.24 -9.90
CA ALA B 104 2.74 0.66 -9.81
C ALA B 104 2.64 -0.59 -10.67
N GLY B 105 3.72 -1.36 -10.76
CA GLY B 105 3.77 -2.52 -11.61
C GLY B 105 4.83 -2.36 -12.69
N PRO B 106 4.95 -3.34 -13.58
CA PRO B 106 6.03 -3.29 -14.58
C PRO B 106 5.95 -2.05 -15.46
N ASN B 107 7.11 -1.44 -15.69
CA ASN B 107 7.27 -0.36 -16.69
C ASN B 107 6.39 0.85 -16.36
N THR B 108 6.37 1.24 -15.08
CA THR B 108 5.59 2.40 -14.63
C THR B 108 6.45 3.38 -13.83
N ASN B 109 7.73 3.50 -14.15
CA ASN B 109 8.60 4.42 -13.43
C ASN B 109 8.23 5.87 -13.74
N GLY B 110 8.14 6.68 -12.69
CA GLY B 110 7.89 8.10 -12.83
C GLY B 110 8.97 8.89 -12.15
N SER B 111 8.65 9.47 -11.00
CA SER B 111 9.63 10.16 -10.18
C SER B 111 9.79 9.56 -8.78
N GLN B 112 8.83 8.79 -8.30
CA GLN B 112 8.90 8.31 -6.93
C GLN B 112 10.02 7.29 -6.76
N PHE B 113 10.67 7.34 -5.60
CA PHE B 113 11.85 6.53 -5.32
C PHE B 113 11.79 6.17 -3.84
N PHE B 114 12.66 5.25 -3.44
CA PHE B 114 12.82 4.98 -2.03
C PHE B 114 14.30 4.78 -1.69
N ILE B 115 14.62 5.10 -0.43
CA ILE B 115 15.94 4.90 0.14
C ILE B 115 15.81 3.79 1.17
N CYS B 116 16.49 2.67 0.94
CA CYS B 116 16.44 1.55 1.87
C CYS B 116 17.21 1.87 3.14
N THR B 117 16.70 1.37 4.26
CA THR B 117 17.44 1.43 5.52
C THR B 117 17.82 0.04 6.00
N ALA B 118 17.62 -0.97 5.16
CA ALA B 118 17.97 -2.36 5.44
C ALA B 118 18.04 -3.08 4.09
N LYS B 119 18.54 -4.30 4.11
CA LYS B 119 18.45 -5.16 2.93
C LYS B 119 16.98 -5.48 2.67
N THR B 120 16.53 -5.29 1.43
CA THR B 120 15.13 -5.55 1.05
C THR B 120 15.10 -6.45 -0.18
N GLU B 121 15.56 -7.69 -0.01
CA GLU B 121 15.78 -8.58 -1.14
C GLU B 121 14.49 -8.92 -1.88
N TRP B 122 13.34 -8.95 -1.18
CA TRP B 122 12.10 -9.33 -1.83
C TRP B 122 11.69 -8.36 -2.93
N LEU B 123 12.29 -7.16 -2.96
CA LEU B 123 12.01 -6.19 -4.01
C LEU B 123 12.85 -6.40 -5.26
N ASP B 124 13.88 -7.26 -5.21
CA ASP B 124 14.75 -7.48 -6.36
C ASP B 124 13.94 -7.97 -7.55
N GLY B 125 14.25 -7.41 -8.73
CA GLY B 125 13.59 -7.83 -9.94
C GLY B 125 12.26 -7.17 -10.20
N LYS B 126 11.74 -6.37 -9.27
CA LYS B 126 10.54 -5.58 -9.51
C LYS B 126 10.77 -4.08 -9.38
N HIS B 127 11.81 -3.65 -8.69
CA HIS B 127 12.15 -2.23 -8.55
C HIS B 127 13.57 -2.02 -9.05
N VAL B 128 13.76 -1.02 -9.91
CA VAL B 128 15.06 -0.75 -10.50
C VAL B 128 15.94 0.01 -9.51
N VAL B 129 17.03 -0.63 -9.10
CA VAL B 129 18.06 -0.02 -8.26
C VAL B 129 18.99 0.82 -9.12
N PHE B 130 19.25 2.06 -8.69
CA PHE B 130 19.99 2.99 -9.53
C PHE B 130 20.97 3.90 -8.79
N GLY B 131 21.12 3.77 -7.47
CA GLY B 131 22.05 4.62 -6.76
C GLY B 131 22.20 4.17 -5.34
N LYS B 132 22.96 4.95 -4.57
N LYS B 132 22.96 4.95 -4.58
CA LYS B 132 23.19 4.62 -3.17
CA LYS B 132 23.14 4.67 -3.17
C LYS B 132 23.62 5.87 -2.42
C LYS B 132 23.47 5.96 -2.45
N VAL B 133 23.18 5.99 -1.16
CA VAL B 133 23.60 7.09 -0.31
C VAL B 133 25.13 7.10 -0.23
N LYS B 134 25.71 8.29 -0.42
CA LYS B 134 27.15 8.52 -0.33
C LYS B 134 27.53 9.06 1.04
N GLU B 135 26.93 10.19 1.42
CA GLU B 135 27.12 10.78 2.73
C GLU B 135 25.75 11.09 3.33
N GLY B 136 25.69 11.12 4.66
CA GLY B 136 24.48 11.50 5.34
C GLY B 136 23.52 10.38 5.63
N MET B 137 23.99 9.13 5.67
CA MET B 137 23.12 8.05 6.11
C MET B 137 22.60 8.29 7.52
N ASN B 138 23.36 9.00 8.37
CA ASN B 138 22.85 9.33 9.70
C ASN B 138 21.59 10.20 9.61
N ILE B 139 21.49 11.02 8.57
CA ILE B 139 20.30 11.83 8.38
C ILE B 139 19.11 10.96 7.98
N VAL B 140 19.33 9.98 7.10
CA VAL B 140 18.27 9.04 6.76
C VAL B 140 17.81 8.28 8.01
N GLU B 141 18.76 7.86 8.85
CA GLU B 141 18.40 7.19 10.09
C GLU B 141 17.57 8.09 11.00
N ALA B 142 17.92 9.37 11.06
CA ALA B 142 17.14 10.31 11.87
C ALA B 142 15.73 10.46 11.33
N MET B 143 15.57 10.44 10.00
CA MET B 143 14.25 10.51 9.39
C MET B 143 13.36 9.36 9.83
N GLU B 144 13.94 8.17 10.07
CA GLU B 144 13.14 7.00 10.41
C GLU B 144 12.36 7.19 11.70
N ARG B 145 12.89 7.99 12.61
CA ARG B 145 12.19 8.20 13.88
C ARG B 145 10.83 8.84 13.68
N PHE B 146 10.57 9.43 12.51
CA PHE B 146 9.30 10.08 12.24
C PHE B 146 8.34 9.21 11.45
N GLY B 147 8.72 7.96 11.16
CA GLY B 147 7.86 7.04 10.47
C GLY B 147 7.10 6.12 11.41
N SER B 148 6.48 5.09 10.84
CA SER B 148 5.65 4.18 11.60
C SER B 148 5.48 2.89 10.80
N ARG B 149 4.81 1.91 11.42
CA ARG B 149 4.66 0.58 10.87
C ARG B 149 4.02 0.58 9.48
N ASN B 150 3.10 1.51 9.23
CA ASN B 150 2.40 1.61 7.95
C ASN B 150 2.87 2.80 7.11
N GLY B 151 4.01 3.40 7.46
CA GLY B 151 4.57 4.48 6.67
C GLY B 151 4.11 5.87 7.01
N LYS B 152 3.03 6.03 7.78
CA LYS B 152 2.56 7.37 8.08
C LYS B 152 3.57 8.11 8.94
N THR B 153 3.80 9.38 8.62
CA THR B 153 4.82 10.18 9.30
C THR B 153 4.19 11.10 10.35
N SER B 154 4.92 11.30 11.45
CA SER B 154 4.43 12.11 12.56
C SER B 154 4.89 13.55 12.49
N LYS B 155 5.86 13.85 11.64
CA LYS B 155 6.25 15.20 11.29
C LYS B 155 6.44 15.23 9.78
N LYS B 156 6.35 16.42 9.19
CA LYS B 156 6.44 16.54 7.74
C LYS B 156 7.90 16.62 7.32
N ILE B 157 8.34 15.62 6.57
CA ILE B 157 9.75 15.48 6.19
C ILE B 157 9.86 15.91 4.74
N THR B 158 10.58 17.00 4.48
CA THR B 158 10.63 17.56 3.14
C THR B 158 12.05 17.65 2.59
N ILE B 159 12.11 17.70 1.26
CA ILE B 159 13.34 18.05 0.53
C ILE B 159 13.31 19.56 0.40
N ALA B 160 13.94 20.25 1.36
CA ALA B 160 13.92 21.71 1.33
C ALA B 160 14.72 22.26 0.15
N ASP B 161 15.80 21.59 -0.24
CA ASP B 161 16.58 21.95 -1.40
C ASP B 161 17.21 20.68 -1.94
N CYS B 162 17.57 20.72 -3.21
CA CYS B 162 18.24 19.57 -3.83
C CYS B 162 18.94 20.06 -5.08
N GLY B 163 19.92 19.27 -5.52
CA GLY B 163 20.70 19.65 -6.67
C GLY B 163 21.82 18.66 -6.88
N GLN B 164 22.79 19.07 -7.70
CA GLN B 164 23.93 18.24 -8.05
C GLN B 164 25.19 18.81 -7.42
N LEU B 165 26.10 17.92 -7.02
CA LEU B 165 27.41 18.29 -6.48
C LEU B 165 28.51 17.90 -7.45
N GLU B 166 29.73 18.39 -7.16
CA GLU B 166 30.95 17.96 -7.85
C GLU B 166 30.89 18.12 -9.37
PG GNP C . -5.95 -0.47 -1.79
O1G GNP C . -5.89 -0.03 -0.38
O2G GNP C . -5.86 -1.98 -1.96
O3G GNP C . -4.88 0.25 -2.63
N3B GNP C . -7.47 -0.02 -2.43
PB GNP C . -8.91 -0.36 -1.71
O1B GNP C . -9.37 -1.77 -1.97
O2B GNP C . -8.87 0.04 -0.26
O3A GNP C . -9.96 0.61 -2.49
PA GNP C . -10.51 2.02 -2.01
O1A GNP C . -11.52 1.81 -0.89
O2A GNP C . -9.36 2.93 -1.79
O5' GNP C . -11.32 2.47 -3.28
C5' GNP C . -10.67 2.60 -4.56
C4' GNP C . -11.50 3.52 -5.44
O4' GNP C . -12.77 2.90 -5.72
C3' GNP C . -11.83 4.89 -4.84
O3' GNP C . -11.83 5.88 -5.87
C2' GNP C . -13.23 4.68 -4.25
O2' GNP C . -14.00 5.87 -4.24
C1' GNP C . -13.83 3.70 -5.25
N9 GNP C . -14.87 2.84 -4.67
C8 GNP C . -14.75 2.05 -3.54
N7 GNP C . -15.84 1.39 -3.26
C5 GNP C . -16.73 1.76 -4.26
C6 GNP C . -18.10 1.38 -4.50
O6 GNP C . -18.79 0.60 -3.83
N1 GNP C . -18.62 1.99 -5.62
C2 GNP C . -17.94 2.85 -6.43
N2 GNP C . -18.60 3.33 -7.49
N3 GNP C . -16.68 3.21 -6.22
C4 GNP C . -16.14 2.64 -5.13
MG MG D . -7.29 0.60 0.91
C1 BTB E . -19.06 -17.23 -16.30
O1 BTB E . -17.79 -17.01 -15.77
C2 BTB E . -19.10 -16.86 -17.80
C3 BTB E . -18.57 -18.11 -18.55
O3 BTB E . -17.23 -18.42 -18.25
C4 BTB E . -20.57 -16.70 -18.24
O4 BTB E . -20.75 -16.48 -19.62
N BTB E . -18.31 -15.65 -18.11
C5 BTB E . -17.91 -15.45 -19.51
C6 BTB E . -16.48 -15.79 -19.89
O6 BTB E . -15.58 -15.40 -18.86
C7 BTB E . -18.84 -14.43 -17.52
C8 BTB E . -17.83 -13.34 -17.16
O8 BTB E . -16.87 -13.84 -16.23
C1 A1AOM F . 2.28 5.43 -7.81
C10 A1AOM F . 8.26 -0.13 -0.81
C11 A1AOM F . 6.75 0.04 -0.94
C12 A1AOM F . 6.15 0.25 0.40
C13 A1AOM F . 5.76 -0.74 2.60
C14 A1AOM F . 6.20 -1.96 3.39
C15 A1AOM F . 7.71 -1.94 3.52
C16 A1AOM F . 5.56 -1.83 4.77
C17 A1AOM F . 5.78 -3.26 2.68
C18 A1AOM F . 3.88 -4.44 3.78
C19 A1AOM F . 2.52 -4.51 3.61
C2 A1AOM F . 3.13 4.96 -6.63
C20 A1AOM F . 1.70 -5.26 4.38
C21 A1AOM F . 4.24 -0.14 -3.79
C22 A1AOM F . 3.04 -0.18 -2.84
C23 A1AOM F . 3.08 -1.04 -1.76
C24 A1AOM F . 2.01 -1.12 -0.86
C25 A1AOM F . 2.06 -2.04 0.31
C26 A1AOM F . 3.28 -2.33 0.93
C27 A1AOM F . 3.33 -3.17 2.04
C28 A1AOM F . 2.13 -3.73 2.52
C29 A1AOM F . 0.90 -3.46 1.93
C3 A1AOM F . 4.60 4.96 -7.01
C30 A1AOM F . 0.87 -2.60 0.82
C31 A1AOM F . 0.90 -0.30 -1.07
C32 A1AOM F . 0.87 0.58 -2.15
C33 A1AOM F . 1.93 0.64 -3.05
C34 A1AOM F . 0.67 4.48 -4.96
C35 A1AOM F . 0.65 2.35 -6.21
C36 A1AOM F . -0.82 2.28 -5.95
C37 A1AOM F . -1.59 1.82 -7.19
C38 A1AOM F . -2.75 -0.33 -6.60
C39 A1AOM F . -2.88 -1.25 -5.42
C4 A1AOM F . 2.73 3.55 -6.14
C40 A1AOM F . -1.22 1.02 -5.18
C5 A1AOM F . 3.54 3.11 -4.95
C6 A1AOM F . 4.81 1.27 -3.95
C7 A1AOM F . 6.32 1.16 -4.11
C8 A1AOM F . 8.51 1.03 -2.99
C9 A1AOM F . 8.90 -0.19 -2.19
N1 A1AOM F . 4.19 1.95 -5.08
N2 A1AOM F . 7.04 1.11 -2.99
N3 A1AOM F . 4.35 -3.60 2.81
N4 A1AOM F . 0.98 -5.92 5.02
N5 A1AOM F . 6.39 1.17 -1.80
N6 A1AOM F . 1.31 3.46 -5.79
N7 A1AOM F . -1.96 0.68 -6.38
O1 A1AOM F . 6.29 -0.85 1.28
O2 A1AOM F . 5.57 1.25 0.78
O3 A1AOM F . 6.83 1.12 -5.24
O4 A1AOM F . -0.21 1.39 -2.35
O5 A1AOM F . 3.55 3.76 -3.91
O6 A1AOM F . -3.33 -0.48 -7.67
O7 A1AOM F . 1.23 1.45 -6.78
#